data_4WTJ
#
_entry.id   4WTJ
#
_cell.length_a   139.870
_cell.length_b   139.870
_cell.length_c   92.700
_cell.angle_alpha   90.000
_cell.angle_beta   90.000
_cell.angle_gamma   120.000
#
_symmetry.space_group_name_H-M   'P 65'
#
loop_
_entity.id
_entity.type
_entity.pdbx_description
1 polymer 'RNA TEMPLATE AUCC'
2 polymer 'RNA PRIMER GG'
3 polymer 'RNA-directed RNA polymerase'
4 non-polymer 'MANGANESE (II) ION'
5 non-polymer 'CHLORIDE ION'
6 non-polymer "ADENOSINE-5'-DIPHOSPHATE"
7 non-polymer 1-(2-METHOXY-ETHOXY)-2-{2-[2-(2-METHOXY-ETHOXY]-ETHOXY}-ETHANE
8 non-polymer 2-[3-(2-HYDROXY-1,1-DIHYDROXYMETHYL-ETHYLAMINO)-PROPYLAMINO]-2-HYDROXYMETHYL-PROPANE-1,3-DIOL
9 non-polymer 'TETRAETHYLENE GLYCOL'
10 non-polymer 1,2-ETHANEDIOL
11 water water
#
loop_
_entity_poly.entity_id
_entity_poly.type
_entity_poly.pdbx_seq_one_letter_code
_entity_poly.pdbx_strand_id
1 'polyribonucleotide' AUCC T
2 'polyribonucleotide' GG P
3 'polypeptide(L)'
;MSSMSYSWTGALITPCGPEEEKLPINPLSNSLLRYHNKVYCTTSKSASQRAKKVTFDRTQVLDAHYDSVLKDIKLAASKV
SARLLTLQQACQLTPPHSARSKYGFGAKEVRSLSGRAVNHIKSVWKDLLEDPQTPIPTTIMAKNEVFCVDPAKGGKKPAR
LIVYPDLGVRVCEKMALYDITQKLPQAVMGASYGFQYSPAQRVEYLLKAWAEKKDPMGFSYDTRHFDSTVTERDIRTEES
IYQACSLPEEARTAIHSLTERLYVGGPMFNSKGQTCGYRRCRASGVLTTSMGNTITCYVKALAACKAAGIVAPTMLVCGD
DLIVISESQGTEEDERNLRAFTEAMTRYSAPPGDPPRPEYDLELITSCSSNVSVALGPRGRRRYYLTRDPTTPLARAAWE
TVRHSPINSWLGNIIQYAPTIWVRMVLMTHFFSILMVQDTLDQNLNFEMYGSVYSVNPLDLPAIIERLHGLDAFSMHTYS
HHELTRVASALRKLGAPPLRVWKSRARAVRASLISRGGKAAVCGRYLFNWAVKTKLKLTPLPEARLLDLSSWFTVGAGGG
DIFHSVSRARPRLEHHHHHH
;
A
#
loop_
_chem_comp.id
_chem_comp.type
_chem_comp.name
_chem_comp.formula
A RNA linking ADENOSINE-5'-MONOPHOSPHATE 'C10 H14 N5 O7 P'
ADP non-polymer ADENOSINE-5'-DIPHOSPHATE 'C10 H15 N5 O10 P2'
B3P non-polymer 2-[3-(2-HYDROXY-1,1-DIHYDROXYMETHYL-ETHYLAMINO)-PROPYLAMINO]-2-HYDROXYMETHYL-PROPANE-1,3-DIOL 'C11 H26 N2 O6'
C RNA linking CYTIDINE-5'-MONOPHOSPHATE 'C9 H14 N3 O8 P'
CL non-polymer 'CHLORIDE ION' 'Cl -1'
EDO non-polymer 1,2-ETHANEDIOL 'C2 H6 O2'
G RNA linking GUANOSINE-5'-MONOPHOSPHATE 'C10 H14 N5 O8 P'
MN non-polymer 'MANGANESE (II) ION' 'Mn 2'
PG4 non-polymer 'TETRAETHYLENE GLYCOL' 'C8 H18 O5'
PG6 non-polymer 1-(2-METHOXY-ETHOXY)-2-{2-[2-(2-METHOXY-ETHOXY]-ETHOXY}-ETHANE 'C12 H26 O6'
U RNA linking URIDINE-5'-MONOPHOSPHATE 'C9 H13 N2 O9 P'
#
# COMPACT_ATOMS: atom_id res chain seq x y z
N SER C 2 2.13 -30.78 3.54
CA SER C 2 3.01 -30.43 4.69
C SER C 2 2.27 -29.66 5.81
N SER C 3 2.24 -28.31 5.78
CA SER C 3 1.82 -27.53 6.97
C SER C 3 0.56 -26.71 6.81
N MET C 4 -0.25 -26.69 7.85
CA MET C 4 -1.40 -25.81 7.90
C MET C 4 -0.96 -24.37 8.21
N SER C 5 -1.57 -23.43 7.51
CA SER C 5 -1.31 -22.04 7.73
C SER C 5 -1.65 -21.69 9.17
N TYR C 6 -2.81 -22.14 9.62
CA TYR C 6 -3.28 -21.85 10.94
C TYR C 6 -3.95 -23.09 11.56
N SER C 7 -4.12 -23.06 12.87
CA SER C 7 -5.07 -23.92 13.55
C SER C 7 -5.82 -23.08 14.56
N TRP C 8 -7.05 -23.45 14.87
CA TRP C 8 -7.93 -22.61 15.70
C TRP C 8 -8.55 -23.38 16.86
N THR C 9 -8.69 -22.73 18.00
CA THR C 9 -9.24 -23.38 19.20
C THR C 9 -10.74 -23.22 19.25
N GLY C 10 -11.28 -22.35 18.42
CA GLY C 10 -12.70 -22.08 18.47
C GLY C 10 -13.02 -20.83 19.24
N ALA C 11 -12.06 -20.23 19.94
CA ALA C 11 -12.30 -18.91 20.56
C ALA C 11 -12.45 -17.87 19.47
N LEU C 12 -13.34 -16.92 19.69
CA LEU C 12 -13.64 -15.92 18.69
C LEU C 12 -12.48 -14.93 18.55
N ILE C 13 -12.43 -14.31 17.38
CA ILE C 13 -11.55 -13.18 17.17
C ILE C 13 -12.37 -11.99 17.57
N THR C 14 -12.03 -11.41 18.73
CA THR C 14 -12.86 -10.38 19.35
C THR C 14 -12.43 -8.98 19.01
N PRO C 15 -13.36 -8.01 19.13
CA PRO C 15 -13.06 -6.64 18.76
C PRO C 15 -11.94 -6.07 19.61
N CYS C 16 -11.18 -5.16 19.02
CA CYS C 16 -10.04 -4.53 19.68
C CYS C 16 -10.52 -3.11 20.02
N GLY C 17 -11.47 -3.06 20.96
CA GLY C 17 -12.28 -1.86 21.24
C GLY C 17 -13.63 -1.95 20.53
N PRO C 18 -14.59 -1.06 20.88
CA PRO C 18 -15.85 -1.00 20.12
C PRO C 18 -15.68 -0.46 18.71
N GLU C 19 -16.52 -0.92 17.80
CA GLU C 19 -16.31 -0.71 16.36
C GLU C 19 -17.32 0.29 15.84
N GLU C 20 -16.81 1.41 15.34
CA GLU C 20 -17.57 2.67 15.22
C GLU C 20 -18.83 2.55 14.36
N GLU C 21 -19.82 3.36 14.73
CA GLU C 21 -21.17 3.29 14.17
C GLU C 21 -21.31 4.34 13.05
N LYS C 22 -21.87 3.95 11.91
CA LYS C 22 -22.27 4.94 10.91
C LYS C 22 -23.44 5.76 11.49
N LEU C 23 -23.63 7.00 11.02
CA LEU C 23 -24.62 7.88 11.63
C LEU C 23 -25.72 8.16 10.63
N PRO C 24 -26.89 8.63 11.08
CA PRO C 24 -28.00 8.91 10.14
C PRO C 24 -27.75 10.04 9.14
N ILE C 25 -26.88 10.98 9.51
CA ILE C 25 -26.51 12.07 8.63
C ILE C 25 -24.99 12.10 8.51
N ASN C 26 -24.52 12.30 7.28
CA ASN C 26 -23.09 12.34 6.94
C ASN C 26 -22.82 13.74 6.37
N PRO C 27 -22.63 14.74 7.24
CA PRO C 27 -22.76 16.13 6.79
C PRO C 27 -21.66 16.60 5.84
N LEU C 28 -20.50 15.95 5.91
CA LEU C 28 -19.38 16.29 5.02
C LEU C 28 -19.41 15.59 3.66
N SER C 29 -20.09 14.45 3.57
CA SER C 29 -20.08 13.68 2.29
C SER C 29 -21.43 13.50 1.64
N ASN C 30 -22.49 13.97 2.28
CA ASN C 30 -23.80 13.80 1.72
C ASN C 30 -24.10 14.73 0.53
N SER C 31 -23.19 15.65 0.23
CA SER C 31 -23.24 16.35 -1.05
C SER C 31 -22.23 15.77 -2.05
N LEU C 32 -21.39 14.84 -1.64
CA LEU C 32 -20.52 14.12 -2.60
C LEU C 32 -21.28 12.94 -3.26
N LEU C 33 -21.99 12.17 -2.45
CA LEU C 33 -22.72 11.03 -2.96
C LEU C 33 -23.88 10.69 -2.06
N ARG C 34 -24.80 9.92 -2.62
CA ARG C 34 -26.08 9.66 -1.99
C ARG C 34 -26.21 8.22 -1.45
N TYR C 35 -25.51 7.26 -2.06
CA TYR C 35 -25.71 5.87 -1.65
C TYR C 35 -24.82 5.46 -0.49
N HIS C 36 -25.11 6.04 0.65
CA HIS C 36 -24.37 5.77 1.87
C HIS C 36 -24.58 4.38 2.39
N ASN C 37 -25.70 3.79 2.01
CA ASN C 37 -25.96 2.40 2.32
C ASN C 37 -24.90 1.50 1.72
N LYS C 38 -24.25 1.91 0.64
CA LYS C 38 -23.29 1.00 -0.01
C LYS C 38 -21.92 1.02 0.62
N VAL C 39 -21.69 1.95 1.53
CA VAL C 39 -20.36 2.18 2.08
C VAL C 39 -20.32 1.50 3.43
N TYR C 40 -19.40 0.56 3.61
CA TYR C 40 -19.32 -0.19 4.86
C TYR C 40 -17.90 -0.33 5.33
N CYS C 41 -17.76 -0.66 6.61
CA CYS C 41 -16.47 -0.95 7.19
C CYS C 41 -16.41 -2.43 7.63
N THR C 42 -15.31 -3.10 7.33
CA THR C 42 -15.11 -4.45 7.81
C THR C 42 -14.93 -4.44 9.33
N THR C 43 -15.43 -5.46 10.00
CA THR C 43 -15.29 -5.61 11.44
C THR C 43 -15.02 -7.05 11.83
N SER C 44 -14.77 -7.24 13.13
CA SER C 44 -14.51 -8.55 13.74
C SER C 44 -15.65 -9.54 13.52
N LYS C 45 -16.87 -9.04 13.39
CA LYS C 45 -18.01 -9.89 13.09
C LYS C 45 -17.82 -10.79 11.86
N SER C 46 -16.86 -10.49 10.99
CA SER C 46 -16.63 -11.29 9.78
C SER C 46 -15.29 -12.04 9.86
N ALA C 47 -14.62 -11.95 10.99
CA ALA C 47 -13.26 -12.47 11.07
C ALA C 47 -13.20 -13.98 10.90
N SER C 48 -14.22 -14.66 11.44
CA SER C 48 -14.35 -16.10 11.27
C SER C 48 -14.37 -16.53 9.83
N GLN C 49 -15.15 -15.83 9.00
CA GLN C 49 -15.22 -16.16 7.58
C GLN C 49 -13.84 -16.01 6.92
N ARG C 50 -13.11 -14.95 7.28
CA ARG C 50 -11.76 -14.77 6.73
C ARG C 50 -10.84 -15.91 7.18
N ALA C 51 -10.86 -16.19 8.49
CA ALA C 51 -10.07 -17.30 9.06
C ALA C 51 -10.22 -18.57 8.22
N LYS C 52 -11.48 -18.91 7.90
CA LYS C 52 -11.79 -20.11 7.10
C LYS C 52 -11.18 -20.05 5.74
N LYS C 53 -11.28 -18.88 5.08
CA LYS C 53 -10.73 -18.71 3.71
C LYS C 53 -9.22 -18.74 3.64
N VAL C 54 -8.53 -18.50 4.76
CA VAL C 54 -7.05 -18.41 4.74
C VAL C 54 -6.36 -19.61 5.43
N THR C 55 -7.14 -20.54 5.96
CA THR C 55 -6.63 -21.77 6.60
C THR C 55 -6.56 -22.91 5.60
N PHE C 56 -5.37 -23.36 5.26
CA PHE C 56 -5.25 -24.43 4.29
C PHE C 56 -3.87 -25.03 4.40
N ASP C 57 -3.68 -26.15 3.71
CA ASP C 57 -2.49 -26.96 3.83
C ASP C 57 -1.55 -26.61 2.72
N ARG C 58 -0.34 -26.17 3.05
CA ARG C 58 0.64 -25.81 2.04
C ARG C 58 1.58 -26.97 1.77
N THR C 59 1.89 -27.18 0.51
CA THR C 59 2.93 -28.10 0.14
C THR C 59 3.67 -27.27 -0.86
N GLN C 60 4.97 -27.34 -0.82
CA GLN C 60 5.78 -26.44 -1.57
C GLN C 60 6.78 -27.31 -2.21
N VAL C 61 7.12 -27.00 -3.45
CA VAL C 61 8.05 -27.79 -4.21
C VAL C 61 8.90 -26.85 -4.99
N LEU C 62 10.17 -26.75 -4.58
CA LEU C 62 11.10 -25.84 -5.21
C LEU C 62 11.81 -26.55 -6.33
N ASP C 63 12.69 -25.85 -7.04
CA ASP C 63 13.37 -26.44 -8.15
C ASP C 63 14.62 -25.66 -8.37
N ALA C 64 15.29 -25.95 -9.48
CA ALA C 64 16.58 -25.36 -9.73
C ALA C 64 16.55 -23.90 -10.17
N HIS C 65 15.43 -23.43 -10.69
CA HIS C 65 15.33 -22.03 -11.04
C HIS C 65 15.27 -21.21 -9.75
N TYR C 66 14.43 -21.65 -8.82
CA TYR C 66 14.37 -21.08 -7.48
C TYR C 66 15.77 -21.02 -6.86
N ASP C 67 16.48 -22.16 -6.81
CA ASP C 67 17.79 -22.23 -6.16
C ASP C 67 18.70 -21.23 -6.79
N SER C 68 18.72 -21.19 -8.11
CA SER C 68 19.56 -20.24 -8.80
C SER C 68 19.23 -18.75 -8.50
N VAL C 69 17.95 -18.43 -8.36
CA VAL C 69 17.54 -17.03 -8.12
C VAL C 69 17.96 -16.63 -6.71
N LEU C 70 17.62 -17.48 -5.75
CA LEU C 70 17.92 -17.29 -4.36
C LEU C 70 19.43 -17.07 -4.14
N LYS C 71 20.23 -17.84 -4.85
CA LYS C 71 21.67 -17.72 -4.80
C LYS C 71 22.10 -16.34 -5.23
N ASP C 72 21.55 -15.85 -6.34
CA ASP C 72 21.88 -14.52 -6.85
C ASP C 72 21.50 -13.43 -5.85
N ILE C 73 20.37 -13.62 -5.19
CA ILE C 73 19.87 -12.67 -4.23
C ILE C 73 20.76 -12.61 -2.98
N LYS C 74 21.19 -13.76 -2.48
CA LYS C 74 22.19 -13.77 -1.40
C LYS C 74 23.49 -13.05 -1.77
N LEU C 75 24.01 -13.31 -2.95
CA LEU C 75 25.16 -12.56 -3.38
C LEU C 75 24.86 -11.07 -3.28
N ALA C 76 23.70 -10.65 -3.81
CA ALA C 76 23.33 -9.24 -3.83
C ALA C 76 23.22 -8.67 -2.42
N ALA C 77 22.60 -9.43 -1.52
CA ALA C 77 22.50 -9.06 -0.11
C ALA C 77 23.87 -8.85 0.56
N SER C 78 24.84 -9.70 0.22
CA SER C 78 26.15 -9.66 0.85
C SER C 78 26.84 -8.33 0.66
N LYS C 79 26.40 -7.52 -0.28
CA LYS C 79 26.97 -6.17 -0.46
C LYS C 79 26.43 -5.14 0.53
N VAL C 80 25.49 -5.54 1.39
CA VAL C 80 24.86 -4.60 2.31
C VAL C 80 25.50 -4.71 3.68
N SER C 81 25.79 -3.56 4.27
CA SER C 81 26.16 -3.47 5.69
C SER C 81 25.02 -2.85 6.47
N ALA C 82 24.55 -3.54 7.50
CA ALA C 82 23.47 -3.01 8.28
C ALA C 82 23.86 -2.99 9.76
N ARG C 83 23.34 -2.00 10.49
CA ARG C 83 23.70 -1.82 11.89
C ARG C 83 22.51 -2.01 12.80
N LEU C 84 22.80 -2.25 14.07
CA LEU C 84 21.78 -2.19 15.09
C LEU C 84 21.35 -0.75 15.22
N LEU C 85 20.07 -0.55 15.47
CA LEU C 85 19.61 0.72 15.98
C LEU C 85 19.80 0.63 17.48
N THR C 86 20.08 1.75 18.13
CA THR C 86 20.01 1.78 19.59
C THR C 86 18.62 1.56 20.06
N LEU C 87 18.49 1.13 21.30
CA LEU C 87 17.21 0.96 21.86
C LEU C 87 16.40 2.26 21.71
N GLN C 88 17.06 3.38 21.90
CA GLN C 88 16.39 4.67 21.96
C GLN C 88 15.92 5.11 20.56
N GLN C 89 16.76 4.92 19.55
CA GLN C 89 16.37 5.17 18.16
C GLN C 89 15.14 4.39 17.79
N ALA C 90 15.14 3.10 18.15
CA ALA C 90 14.01 2.24 17.83
C ALA C 90 12.75 2.74 18.50
N CYS C 91 12.88 3.14 19.77
CA CYS C 91 11.75 3.66 20.54
C CYS C 91 11.06 4.80 19.82
N GLN C 92 11.89 5.71 19.33
CA GLN C 92 11.42 6.92 18.75
C GLN C 92 10.90 6.73 17.32
N LEU C 93 11.03 5.54 16.74
CA LEU C 93 10.37 5.22 15.47
C LEU C 93 8.99 4.62 15.69
N THR C 94 8.59 4.46 16.93
CA THR C 94 7.27 4.00 17.24
C THR C 94 6.20 5.06 16.86
N PRO C 95 5.18 4.69 16.06
CA PRO C 95 4.16 5.69 15.71
C PRO C 95 3.40 6.15 16.92
N PRO C 96 2.90 7.38 16.89
CA PRO C 96 2.32 8.00 18.10
C PRO C 96 1.13 7.28 18.67
N HIS C 97 0.39 6.53 17.87
CA HIS C 97 -0.75 5.83 18.44
C HIS C 97 -0.59 4.31 18.45
N SER C 98 0.64 3.84 18.25
CA SER C 98 0.98 2.42 18.32
C SER C 98 0.36 1.82 19.57
N ALA C 99 -0.26 0.68 19.40
CA ALA C 99 -1.00 0.03 20.45
C ALA C 99 -0.12 -0.31 21.68
N ARG C 100 -0.65 0.04 22.85
CA ARG C 100 0.10 0.02 24.10
C ARG C 100 0.53 -1.37 24.52
N SER C 101 1.51 -1.43 25.41
CA SER C 101 2.00 -2.70 25.93
C SER C 101 1.06 -3.28 26.97
N LYS C 102 1.11 -4.60 27.12
CA LYS C 102 0.40 -5.29 28.20
C LYS C 102 1.05 -4.91 29.53
N TYR C 103 2.28 -4.44 29.49
CA TYR C 103 3.05 -4.19 30.68
C TYR C 103 2.98 -2.75 31.19
N GLY C 104 1.85 -2.09 31.01
CA GLY C 104 1.57 -0.82 31.68
C GLY C 104 2.26 0.41 31.11
N PHE C 105 2.52 0.41 29.81
CA PHE C 105 2.97 1.64 29.17
C PHE C 105 2.56 1.61 27.72
N GLY C 106 2.63 2.78 27.09
CA GLY C 106 2.19 2.95 25.73
C GLY C 106 3.20 3.70 24.92
N ALA C 107 2.75 4.11 23.72
CA ALA C 107 3.62 4.73 22.74
C ALA C 107 4.19 6.05 23.22
N LYS C 108 3.38 6.85 23.90
CA LYS C 108 3.83 8.13 24.45
C LYS C 108 5.11 7.90 25.28
N GLU C 109 5.03 6.97 26.23
CA GLU C 109 6.18 6.60 27.06
C GLU C 109 7.38 6.08 26.27
N VAL C 110 7.13 5.18 25.32
CA VAL C 110 8.21 4.70 24.45
C VAL C 110 8.89 5.87 23.76
N ARG C 111 8.11 6.70 23.08
CA ARG C 111 8.67 7.79 22.26
C ARG C 111 9.38 8.84 23.10
N SER C 112 8.93 9.04 24.34
CA SER C 112 9.58 9.96 25.26
C SER C 112 10.72 9.31 26.04
N LEU C 113 10.96 8.01 25.84
CA LEU C 113 12.00 7.28 26.54
C LEU C 113 11.84 7.34 28.05
N SER C 114 10.64 7.05 28.55
CA SER C 114 10.42 6.98 29.98
C SER C 114 11.13 5.77 30.52
N GLY C 115 11.57 5.84 31.77
CA GLY C 115 12.44 4.81 32.36
C GLY C 115 11.79 3.44 32.45
N ARG C 116 10.55 3.40 32.89
CA ARG C 116 9.82 2.14 32.94
C ARG C 116 9.85 1.45 31.55
N ALA C 117 9.55 2.20 30.50
CA ALA C 117 9.39 1.61 29.20
C ALA C 117 10.74 1.11 28.71
N VAL C 118 11.77 1.97 28.81
CA VAL C 118 13.12 1.60 28.42
C VAL C 118 13.62 0.33 29.13
N ASN C 119 13.37 0.25 30.42
CA ASN C 119 13.79 -0.92 31.19
C ASN C 119 13.08 -2.18 30.80
N HIS C 120 11.78 -2.10 30.53
CA HIS C 120 11.08 -3.28 30.02
C HIS C 120 11.72 -3.77 28.73
N ILE C 121 11.99 -2.82 27.86
CA ILE C 121 12.46 -3.14 26.52
C ILE C 121 13.85 -3.75 26.60
N LYS C 122 14.69 -3.19 27.47
CA LYS C 122 16.01 -3.77 27.72
C LYS C 122 15.88 -5.22 28.08
N SER C 123 14.94 -5.53 28.96
CA SER C 123 14.79 -6.91 29.35
C SER C 123 14.25 -7.79 28.19
N VAL C 124 13.37 -7.25 27.35
CA VAL C 124 12.85 -8.02 26.21
C VAL C 124 13.99 -8.35 25.29
N TRP C 125 14.83 -7.36 25.01
CA TRP C 125 15.99 -7.58 24.18
C TRP C 125 16.95 -8.64 24.74
N LYS C 126 17.21 -8.57 26.04
CA LYS C 126 18.06 -9.53 26.71
C LYS C 126 17.52 -10.95 26.56
N ASP C 127 16.23 -11.12 26.81
CA ASP C 127 15.57 -12.40 26.64
C ASP C 127 15.67 -12.94 25.20
N LEU C 128 15.68 -12.06 24.20
CA LEU C 128 15.85 -12.45 22.79
C LEU C 128 17.26 -12.95 22.54
N LEU C 129 18.22 -12.27 23.16
CA LEU C 129 19.60 -12.70 23.03
C LEU C 129 19.85 -14.04 23.73
N GLU C 130 19.08 -14.35 24.76
CA GLU C 130 19.40 -15.52 25.58
C GLU C 130 18.58 -16.75 25.25
N ASP C 131 17.33 -16.54 24.84
CA ASP C 131 16.43 -17.64 24.50
C ASP C 131 16.11 -17.60 23.00
N PRO C 132 16.64 -18.56 22.22
CA PRO C 132 16.34 -18.57 20.80
C PRO C 132 15.12 -19.40 20.38
N GLN C 133 14.22 -19.76 21.29
CA GLN C 133 13.32 -20.87 21.02
C GLN C 133 11.88 -20.64 21.46
N THR C 134 11.68 -20.10 22.65
CA THR C 134 10.32 -20.03 23.17
C THR C 134 9.45 -19.12 22.29
N PRO C 135 8.32 -19.65 21.81
CA PRO C 135 7.50 -18.84 20.93
C PRO C 135 6.98 -17.60 21.63
N ILE C 136 6.96 -16.48 20.91
CA ILE C 136 6.47 -15.21 21.45
C ILE C 136 4.96 -15.10 21.17
N PRO C 137 4.15 -14.85 22.21
CA PRO C 137 2.72 -14.70 21.99
C PRO C 137 2.34 -13.45 21.15
N THR C 138 1.29 -13.60 20.34
CA THR C 138 0.77 -12.54 19.48
C THR C 138 -0.69 -12.33 19.74
N THR C 139 -1.17 -11.14 19.40
CA THR C 139 -2.59 -10.84 19.41
C THR C 139 -3.10 -10.93 17.97
N ILE C 140 -4.31 -11.44 17.79
CA ILE C 140 -4.94 -11.47 16.47
C ILE C 140 -6.12 -10.52 16.48
N MET C 141 -6.20 -9.69 15.46
CA MET C 141 -7.38 -8.84 15.30
C MET C 141 -7.81 -8.66 13.87
N ALA C 142 -9.08 -8.31 13.75
CA ALA C 142 -9.64 -7.98 12.46
C ALA C 142 -9.35 -6.51 12.11
N LYS C 143 -8.85 -6.30 10.89
CA LYS C 143 -8.65 -4.98 10.33
C LYS C 143 -10.00 -4.32 10.02
N ASN C 144 -10.15 -3.05 10.39
CA ASN C 144 -11.33 -2.28 10.04
C ASN C 144 -10.99 -1.45 8.83
N GLU C 145 -11.61 -1.75 7.70
CA GLU C 145 -11.33 -1.04 6.46
C GLU C 145 -12.63 -0.78 5.75
N VAL C 146 -12.64 0.28 4.95
CA VAL C 146 -13.85 0.72 4.27
C VAL C 146 -13.88 0.41 2.78
N PHE C 147 -15.02 -0.10 2.34
CA PHE C 147 -15.24 -0.41 0.92
C PHE C 147 -16.68 -0.09 0.45
N CYS C 148 -16.90 -0.12 -0.85
CA CYS C 148 -18.23 -0.05 -1.42
C CYS C 148 -18.67 -1.48 -1.64
N VAL C 149 -19.91 -1.81 -1.29
CA VAL C 149 -20.41 -3.16 -1.52
C VAL C 149 -20.27 -3.55 -2.97
N ASP C 150 -20.05 -4.84 -3.20
CA ASP C 150 -19.90 -5.42 -4.54
C ASP C 150 -20.79 -6.68 -4.63
N PRO C 151 -21.94 -6.59 -5.30
CA PRO C 151 -22.82 -7.80 -5.36
C PRO C 151 -22.17 -8.99 -6.11
N ALA C 152 -21.48 -8.68 -7.21
CA ALA C 152 -20.59 -9.64 -7.88
C ALA C 152 -19.77 -10.51 -6.92
N LYS C 153 -19.00 -9.87 -6.04
CA LYS C 153 -18.09 -10.58 -5.14
C LYS C 153 -18.67 -10.84 -3.74
N GLY C 154 -19.98 -11.10 -3.67
CA GLY C 154 -20.63 -11.51 -2.41
C GLY C 154 -21.20 -10.44 -1.49
N GLY C 155 -21.20 -9.18 -1.92
CA GLY C 155 -21.64 -8.06 -1.06
C GLY C 155 -20.47 -7.45 -0.30
N LYS C 156 -20.30 -7.87 0.95
CA LYS C 156 -19.28 -7.33 1.89
C LYS C 156 -18.12 -8.30 2.10
N LYS C 157 -16.90 -7.82 1.91
CA LYS C 157 -15.68 -8.60 2.14
C LYS C 157 -15.44 -8.85 3.62
N PRO C 158 -14.96 -10.06 3.99
CA PRO C 158 -14.57 -10.25 5.39
C PRO C 158 -13.32 -9.43 5.74
N ALA C 159 -13.18 -9.09 7.01
CA ALA C 159 -12.03 -8.38 7.51
C ALA C 159 -10.76 -9.18 7.34
N ARG C 160 -9.72 -8.50 6.90
CA ARG C 160 -8.38 -9.05 6.93
C ARG C 160 -7.89 -9.29 8.37
N LEU C 161 -6.96 -10.20 8.55
CA LEU C 161 -6.50 -10.56 9.89
C LEU C 161 -5.14 -9.98 10.14
N ILE C 162 -4.98 -9.34 11.28
CA ILE C 162 -3.73 -8.70 11.65
C ILE C 162 -3.20 -9.41 12.89
N VAL C 163 -1.93 -9.79 12.85
CA VAL C 163 -1.29 -10.54 13.93
C VAL C 163 0.00 -9.84 14.34
N TYR C 164 0.07 -9.42 15.59
CA TYR C 164 1.21 -8.62 16.06
C TYR C 164 1.63 -8.95 17.50
N PRO C 165 2.92 -8.82 17.78
CA PRO C 165 3.42 -9.07 19.13
C PRO C 165 3.30 -7.82 19.99
N ASP C 166 3.68 -7.92 21.26
CA ASP C 166 3.61 -6.79 22.20
C ASP C 166 4.49 -5.62 21.77
N LEU C 167 4.05 -4.42 22.11
CA LEU C 167 4.83 -3.20 21.87
C LEU C 167 6.34 -3.28 22.14
N GLY C 168 6.73 -3.88 23.26
CA GLY C 168 8.16 -4.04 23.58
C GLY C 168 8.93 -4.87 22.57
N VAL C 169 8.31 -5.94 22.09
CA VAL C 169 8.93 -6.74 21.01
C VAL C 169 9.03 -5.93 19.70
N ARG C 170 7.99 -5.15 19.42
CA ARG C 170 7.95 -4.38 18.18
C ARG C 170 9.11 -3.43 18.20
N VAL C 171 9.38 -2.85 19.38
CA VAL C 171 10.54 -1.96 19.47
C VAL C 171 11.80 -2.77 19.20
N CYS C 172 11.91 -3.95 19.81
CA CYS C 172 13.11 -4.76 19.61
C CYS C 172 13.30 -5.17 18.15
N GLU C 173 12.19 -5.40 17.44
CA GLU C 173 12.31 -5.77 16.01
C GLU C 173 13.06 -4.70 15.28
N LYS C 174 12.76 -3.44 15.61
CA LYS C 174 13.42 -2.35 14.89
C LYS C 174 14.88 -2.29 15.23
N MET C 175 15.23 -2.51 16.48
CA MET C 175 16.66 -2.51 16.86
C MET C 175 17.42 -3.44 15.92
N ALA C 176 16.87 -4.65 15.78
CA ALA C 176 17.48 -5.72 15.00
C ALA C 176 17.44 -5.51 13.49
N LEU C 177 16.30 -5.02 12.98
CA LEU C 177 16.01 -5.14 11.52
C LEU C 177 15.67 -3.85 10.79
N TYR C 178 15.43 -2.77 11.51
CA TYR C 178 14.99 -1.57 10.83
C TYR C 178 15.98 -1.11 9.77
N ASP C 179 17.26 -1.18 10.07
CA ASP C 179 18.22 -0.67 9.10
C ASP C 179 18.18 -1.53 7.81
N ILE C 180 17.96 -2.82 7.99
CA ILE C 180 17.84 -3.77 6.89
C ILE C 180 16.60 -3.46 6.02
N THR C 181 15.46 -3.22 6.67
CA THR C 181 14.26 -2.76 5.96
C THR C 181 14.51 -1.56 5.08
N GLN C 182 15.46 -0.68 5.47
CA GLN C 182 15.78 0.51 4.68
C GLN C 182 16.75 0.29 3.52
N LYS C 183 17.50 -0.81 3.55
CA LYS C 183 18.56 -1.05 2.58
C LYS C 183 18.43 -2.31 1.71
N LEU C 184 17.97 -3.41 2.31
CA LEU C 184 18.03 -4.72 1.66
C LEU C 184 17.24 -4.82 0.34
N PRO C 185 15.94 -4.47 0.37
CA PRO C 185 15.11 -4.59 -0.85
C PRO C 185 15.69 -3.89 -2.05
N GLN C 186 16.10 -2.65 -1.86
CA GLN C 186 16.73 -1.88 -2.90
C GLN C 186 18.00 -2.55 -3.37
N ALA C 187 18.73 -3.19 -2.46
CA ALA C 187 19.99 -3.83 -2.84
C ALA C 187 19.76 -5.13 -3.60
N VAL C 188 18.74 -5.90 -3.26
CA VAL C 188 18.53 -7.16 -3.97
C VAL C 188 17.71 -7.04 -5.25
N MET C 189 16.92 -5.96 -5.40
CA MET C 189 15.96 -5.80 -6.50
C MET C 189 16.23 -4.63 -7.41
N GLY C 190 16.96 -3.63 -6.95
CA GLY C 190 17.27 -2.48 -7.78
C GLY C 190 16.01 -1.75 -8.21
N ALA C 191 15.98 -1.35 -9.49
CA ALA C 191 14.83 -0.68 -10.10
C ALA C 191 13.51 -1.46 -10.00
N SER C 192 13.56 -2.74 -9.62
CA SER C 192 12.36 -3.58 -9.54
C SER C 192 11.57 -3.34 -8.27
N TYR C 193 12.23 -2.79 -7.24
CA TYR C 193 11.58 -2.48 -5.96
C TYR C 193 10.59 -1.34 -6.19
N GLY C 194 9.32 -1.61 -5.99
CA GLY C 194 8.26 -0.67 -6.43
C GLY C 194 8.00 0.46 -5.47
N PHE C 195 8.35 0.30 -4.20
CA PHE C 195 8.05 1.31 -3.20
C PHE C 195 9.09 2.41 -3.16
N GLN C 196 9.73 2.70 -4.28
CA GLN C 196 10.69 3.77 -4.34
C GLN C 196 10.20 4.84 -5.29
N TYR C 197 9.01 4.68 -5.85
CA TYR C 197 8.61 5.54 -6.97
C TYR C 197 7.37 6.32 -6.61
N SER C 198 7.37 7.58 -7.00
CA SER C 198 6.15 8.34 -7.03
C SER C 198 5.27 7.83 -8.19
N PRO C 199 4.02 8.26 -8.23
CA PRO C 199 3.13 7.83 -9.32
C PRO C 199 3.69 8.16 -10.70
N ALA C 200 4.15 9.40 -10.90
CA ALA C 200 4.82 9.75 -12.16
C ALA C 200 6.05 8.89 -12.49
N GLN C 201 6.83 8.54 -11.46
CA GLN C 201 8.04 7.73 -11.68
C GLN C 201 7.67 6.29 -12.03
N ARG C 202 6.61 5.76 -11.39
CA ARG C 202 6.11 4.43 -11.68
C ARG C 202 5.71 4.38 -13.15
N VAL C 203 4.96 5.39 -13.58
CA VAL C 203 4.54 5.51 -14.97
C VAL C 203 5.74 5.57 -15.90
N GLU C 204 6.68 6.46 -15.60
CA GLU C 204 7.89 6.62 -16.39
C GLU C 204 8.65 5.28 -16.56
N TYR C 205 8.76 4.54 -15.47
CA TYR C 205 9.47 3.26 -15.49
C TYR C 205 8.73 2.24 -16.35
N LEU C 206 7.41 2.15 -16.19
CA LEU C 206 6.64 1.19 -16.97
C LEU C 206 6.70 1.53 -18.45
N LEU C 207 6.66 2.82 -18.80
CA LEU C 207 6.73 3.23 -20.22
C LEU C 207 8.10 2.95 -20.80
N LYS C 208 9.13 3.19 -20.03
CA LYS C 208 10.48 2.90 -20.47
C LYS C 208 10.64 1.39 -20.72
N ALA C 209 10.19 0.58 -19.78
CA ALA C 209 10.21 -0.89 -19.90
C ALA C 209 9.49 -1.35 -21.18
N TRP C 210 8.30 -0.80 -21.37
CA TRP C 210 7.49 -1.08 -22.55
C TRP C 210 8.19 -0.71 -23.86
N ALA C 211 8.76 0.49 -23.93
CA ALA C 211 9.39 0.97 -25.18
C ALA C 211 10.70 0.23 -25.50
N GLU C 212 11.32 -0.35 -24.47
CA GLU C 212 12.57 -1.09 -24.65
C GLU C 212 12.36 -2.42 -25.36
N LYS C 213 11.19 -3.03 -25.22
CA LYS C 213 11.01 -4.32 -25.90
C LYS C 213 10.77 -4.10 -27.40
N LYS C 214 11.31 -4.99 -28.23
CA LYS C 214 11.01 -4.96 -29.66
C LYS C 214 9.49 -5.20 -29.81
N ASP C 215 8.92 -6.07 -28.97
CA ASP C 215 7.51 -6.48 -29.10
C ASP C 215 6.97 -6.86 -27.72
N PRO C 216 6.53 -5.85 -26.95
CA PRO C 216 6.28 -6.10 -25.55
C PRO C 216 5.03 -6.90 -25.29
N MET C 217 5.03 -7.60 -24.17
CA MET C 217 3.88 -8.25 -23.60
C MET C 217 3.99 -7.95 -22.13
N GLY C 218 2.87 -7.73 -21.45
CA GLY C 218 2.90 -7.46 -20.02
C GLY C 218 1.80 -8.21 -19.33
N PHE C 219 2.03 -8.54 -18.06
CA PHE C 219 0.99 -9.10 -17.25
C PHE C 219 1.18 -8.71 -15.79
N SER C 220 0.10 -8.85 -15.03
CA SER C 220 0.14 -8.64 -13.60
C SER C 220 -0.19 -9.94 -12.91
N TYR C 221 0.19 -10.00 -11.65
CA TYR C 221 -0.01 -11.17 -10.84
C TYR C 221 -0.15 -10.72 -9.40
N ASP C 222 -1.02 -11.41 -8.68
CA ASP C 222 -1.23 -11.17 -7.28
C ASP C 222 -1.57 -12.48 -6.63
N THR C 223 -0.98 -12.76 -5.48
CA THR C 223 -1.20 -14.02 -4.83
C THR C 223 -2.47 -13.98 -3.97
N ARG C 224 -3.25 -15.04 -4.03
CA ARG C 224 -4.40 -15.16 -3.15
C ARG C 224 -3.97 -15.32 -1.67
N HIS C 225 -4.32 -14.37 -0.82
CA HIS C 225 -4.04 -14.45 0.62
C HIS C 225 -2.55 -14.66 0.90
N PHE C 226 -1.71 -13.79 0.34
CA PHE C 226 -0.28 -14.04 0.38
C PHE C 226 0.31 -14.45 1.73
N ASP C 227 -0.15 -13.82 2.80
CA ASP C 227 0.49 -14.05 4.07
C ASP C 227 0.34 -15.52 4.52
N SER C 228 -0.85 -16.09 4.32
CA SER C 228 -1.13 -17.48 4.67
C SER C 228 -0.40 -18.50 3.79
N THR C 229 0.06 -18.08 2.62
CA THR C 229 0.76 -18.97 1.72
C THR C 229 2.27 -19.00 1.99
N VAL C 230 2.76 -18.07 2.79
CA VAL C 230 4.19 -18.03 3.14
C VAL C 230 4.52 -19.19 4.11
N THR C 231 5.48 -20.02 3.74
CA THR C 231 5.81 -21.19 4.57
C THR C 231 6.88 -20.90 5.62
N GLU C 232 6.91 -21.75 6.64
CA GLU C 232 8.02 -21.72 7.60
C GLU C 232 9.36 -21.66 6.89
N ARG C 233 9.53 -22.48 5.87
CA ARG C 233 10.79 -22.47 5.12
C ARG C 233 11.08 -21.18 4.36
N ASP C 234 10.03 -20.57 3.82
CA ASP C 234 10.14 -19.23 3.23
C ASP C 234 10.71 -18.23 4.26
N ILE C 235 10.20 -18.31 5.46
CA ILE C 235 10.53 -17.36 6.52
C ILE C 235 11.99 -17.55 6.99
N ARG C 236 12.44 -18.81 7.06
CA ARG C 236 13.85 -19.12 7.42
C ARG C 236 14.74 -18.74 6.26
N THR C 237 14.23 -18.91 5.05
CA THR C 237 14.96 -18.39 3.89
C THR C 237 15.08 -16.85 3.93
N GLU C 238 14.03 -16.16 4.37
CA GLU C 238 14.12 -14.70 4.54
C GLU C 238 15.28 -14.35 5.52
N GLU C 239 15.34 -15.07 6.65
CA GLU C 239 16.46 -14.91 7.59
C GLU C 239 17.80 -15.11 6.95
N SER C 240 17.95 -16.18 6.17
CA SER C 240 19.24 -16.42 5.55
C SER C 240 19.55 -15.33 4.57
N ILE C 241 18.53 -14.67 4.01
CA ILE C 241 18.86 -13.52 3.15
C ILE C 241 19.33 -12.36 4.03
N TYR C 242 18.63 -12.13 5.13
CA TYR C 242 19.06 -11.08 6.09
C TYR C 242 20.49 -11.32 6.61
N GLN C 243 20.79 -12.58 6.92
CA GLN C 243 22.11 -12.95 7.45
C GLN C 243 23.20 -12.86 6.44
N ALA C 244 22.88 -12.72 5.16
CA ALA C 244 23.94 -12.59 4.17
C ALA C 244 24.55 -11.20 4.16
N CYS C 245 23.85 -10.22 4.72
CA CYS C 245 24.39 -8.88 4.86
C CYS C 245 25.49 -8.96 5.95
N SER C 246 26.43 -8.02 5.96
CA SER C 246 27.36 -7.90 7.10
C SER C 246 26.66 -7.15 8.25
N LEU C 247 26.55 -7.85 9.38
CA LEU C 247 25.83 -7.43 10.56
C LEU C 247 26.72 -7.65 11.79
N PRO C 248 26.61 -6.82 12.84
CA PRO C 248 27.27 -7.19 14.08
C PRO C 248 26.63 -8.43 14.63
N GLU C 249 27.36 -9.13 15.47
CA GLU C 249 26.98 -10.45 15.92
C GLU C 249 25.71 -10.41 16.72
N GLU C 250 25.55 -9.34 17.47
CA GLU C 250 24.42 -9.23 18.34
C GLU C 250 23.11 -9.16 17.51
N ALA C 251 23.14 -8.46 16.38
CA ALA C 251 22.01 -8.44 15.40
C ALA C 251 21.68 -9.85 14.92
N ARG C 252 22.72 -10.56 14.47
CA ARG C 252 22.56 -11.94 14.00
C ARG C 252 21.77 -12.74 14.99
N THR C 253 22.16 -12.63 16.25
CA THR C 253 21.53 -13.41 17.30
C THR C 253 20.06 -13.02 17.49
N ALA C 254 19.79 -11.72 17.54
CA ALA C 254 18.40 -11.26 17.71
C ALA C 254 17.54 -11.62 16.49
N ILE C 255 18.12 -11.49 15.32
CA ILE C 255 17.41 -11.81 14.06
C ILE C 255 17.01 -13.28 14.03
N HIS C 256 17.94 -14.16 14.43
CA HIS C 256 17.67 -15.60 14.43
C HIS C 256 16.59 -15.89 15.45
N SER C 257 16.66 -15.20 16.58
CA SER C 257 15.72 -15.45 17.65
C SER C 257 14.29 -14.92 17.32
N LEU C 258 14.23 -13.74 16.71
CA LEU C 258 12.95 -13.24 16.19
C LEU C 258 12.40 -14.23 15.15
N THR C 259 13.25 -14.67 14.24
CA THR C 259 12.81 -15.64 13.22
C THR C 259 12.20 -16.85 13.88
N GLU C 260 12.94 -17.52 14.79
CA GLU C 260 12.42 -18.78 15.36
C GLU C 260 11.31 -18.58 16.33
N ARG C 261 11.29 -17.45 17.01
CA ARG C 261 10.26 -17.28 18.05
C ARG C 261 9.00 -16.55 17.61
N LEU C 262 9.13 -15.69 16.59
CA LEU C 262 8.01 -14.84 16.15
C LEU C 262 7.64 -15.06 14.69
N TYR C 263 8.62 -14.91 13.81
CA TYR C 263 8.32 -14.83 12.39
C TYR C 263 7.80 -16.14 11.79
N VAL C 264 8.40 -17.28 12.16
CA VAL C 264 8.01 -18.56 11.56
C VAL C 264 6.70 -19.05 12.07
N GLY C 265 6.27 -18.55 13.20
CA GLY C 265 5.02 -19.00 13.75
C GLY C 265 4.92 -18.67 15.21
N GLY C 266 3.81 -19.09 15.80
CA GLY C 266 3.56 -18.90 17.21
C GLY C 266 2.08 -18.89 17.54
N PRO C 267 1.76 -18.93 18.83
CA PRO C 267 0.40 -18.92 19.30
C PRO C 267 -0.20 -17.53 19.22
N MET C 268 -1.53 -17.50 19.09
CA MET C 268 -2.29 -16.29 18.86
C MET C 268 -3.37 -16.21 19.94
N PHE C 269 -3.52 -15.01 20.52
CA PHE C 269 -4.56 -14.75 21.50
C PHE C 269 -5.48 -13.64 21.01
N ASN C 270 -6.77 -13.75 21.33
CA ASN C 270 -7.69 -12.69 20.99
C ASN C 270 -7.52 -11.52 21.95
N SER C 271 -8.29 -10.45 21.77
CA SER C 271 -8.13 -9.27 22.61
C SER C 271 -8.59 -9.52 24.06
N LYS C 272 -9.45 -10.52 24.26
CA LYS C 272 -9.86 -10.91 25.62
C LYS C 272 -8.79 -11.78 26.32
N GLY C 273 -7.64 -12.02 25.69
CA GLY C 273 -6.56 -12.82 26.29
C GLY C 273 -6.69 -14.34 26.16
N GLN C 274 -7.73 -14.80 25.47
CA GLN C 274 -7.97 -16.23 25.26
C GLN C 274 -7.11 -16.82 24.16
N THR C 275 -6.76 -18.09 24.27
CA THR C 275 -5.97 -18.74 23.21
C THR C 275 -6.87 -18.89 21.99
N CYS C 276 -6.38 -18.48 20.82
CA CYS C 276 -7.25 -18.39 19.63
C CYS C 276 -6.84 -19.40 18.58
N GLY C 277 -5.53 -19.61 18.49
CA GLY C 277 -4.99 -20.46 17.49
C GLY C 277 -3.49 -20.43 17.48
N TYR C 278 -2.93 -21.16 16.52
CA TYR C 278 -1.51 -21.21 16.28
C TYR C 278 -1.30 -20.95 14.82
N ARG C 279 -0.21 -20.26 14.51
CA ARG C 279 0.11 -19.77 13.16
C ARG C 279 1.43 -20.37 12.67
N ARG C 280 1.48 -20.73 11.39
CA ARG C 280 2.70 -21.20 10.76
C ARG C 280 2.95 -20.49 9.42
N CYS C 281 2.63 -19.19 9.40
CA CYS C 281 2.80 -18.37 8.22
C CYS C 281 3.12 -16.89 8.61
N ARG C 282 3.26 -16.04 7.61
CA ARG C 282 3.50 -14.63 7.86
C ARG C 282 2.46 -14.09 8.83
N ALA C 283 2.95 -13.48 9.90
CA ALA C 283 2.17 -12.60 10.74
C ALA C 283 2.17 -11.20 10.10
N SER C 284 1.02 -10.73 9.65
CA SER C 284 0.96 -9.40 9.03
C SER C 284 0.77 -8.41 10.17
N GLY C 285 1.79 -7.60 10.42
CA GLY C 285 1.91 -6.94 11.73
C GLY C 285 3.32 -6.92 12.29
N VAL C 286 4.18 -7.83 11.83
CA VAL C 286 5.58 -7.79 12.22
C VAL C 286 6.31 -6.82 11.32
N LEU C 287 7.49 -6.43 11.77
CA LEU C 287 8.26 -5.38 11.10
C LEU C 287 8.66 -5.76 9.71
N THR C 288 8.90 -7.06 9.55
CA THR C 288 9.42 -7.62 8.32
C THR C 288 8.31 -7.92 7.30
N THR C 289 7.06 -7.59 7.62
CA THR C 289 5.93 -7.92 6.75
C THR C 289 6.14 -7.42 5.32
N SER C 290 6.46 -6.13 5.17
CA SER C 290 6.56 -5.57 3.83
C SER C 290 7.81 -6.01 3.07
N MET C 291 8.96 -5.98 3.74
CA MET C 291 10.23 -6.38 3.15
C MET C 291 10.18 -7.87 2.79
N GLY C 292 9.71 -8.67 3.74
CA GLY C 292 9.56 -10.11 3.59
C GLY C 292 8.68 -10.45 2.40
N ASN C 293 7.47 -9.87 2.37
CA ASN C 293 6.53 -10.11 1.27
C ASN C 293 7.15 -9.73 -0.03
N THR C 294 7.75 -8.57 -0.07
CA THR C 294 8.31 -8.08 -1.32
C THR C 294 9.50 -8.93 -1.82
N ILE C 295 10.44 -9.26 -0.93
CA ILE C 295 11.57 -10.11 -1.32
C ILE C 295 11.12 -11.54 -1.66
N THR C 296 10.22 -12.10 -0.89
CA THR C 296 9.85 -13.48 -1.18
C THR C 296 9.00 -13.55 -2.48
N CYS C 297 8.16 -12.54 -2.70
CA CYS C 297 7.46 -12.45 -3.95
C CYS C 297 8.43 -12.37 -5.10
N TYR C 298 9.43 -11.51 -4.99
CA TYR C 298 10.42 -11.35 -6.03
C TYR C 298 11.17 -12.66 -6.38
N VAL C 299 11.55 -13.41 -5.34
CA VAL C 299 12.29 -14.64 -5.53
C VAL C 299 11.45 -15.66 -6.29
N LYS C 300 10.25 -15.90 -5.80
CA LYS C 300 9.31 -16.80 -6.46
C LYS C 300 9.01 -16.37 -7.89
N ALA C 301 8.77 -15.07 -8.09
CA ALA C 301 8.34 -14.55 -9.37
C ALA C 301 9.42 -14.64 -10.39
N LEU C 302 10.62 -14.27 -9.99
CA LEU C 302 11.72 -14.34 -10.93
C LEU C 302 12.04 -15.85 -11.28
N ALA C 303 11.96 -16.71 -10.29
CA ALA C 303 12.16 -18.14 -10.51
C ALA C 303 11.03 -18.66 -11.43
N ALA C 304 9.82 -18.17 -11.24
CA ALA C 304 8.73 -18.57 -12.11
C ALA C 304 8.87 -18.04 -13.53
N CYS C 305 9.44 -16.84 -13.68
CA CYS C 305 9.72 -16.32 -15.01
C CYS C 305 10.70 -17.23 -15.74
N LYS C 306 11.76 -17.68 -15.05
CA LYS C 306 12.76 -18.53 -15.67
C LYS C 306 12.09 -19.86 -16.01
N ALA C 307 11.32 -20.40 -15.09
CA ALA C 307 10.62 -21.64 -15.33
C ALA C 307 9.69 -21.59 -16.56
N ALA C 308 9.00 -20.46 -16.77
CA ALA C 308 8.03 -20.33 -17.89
C ALA C 308 8.69 -19.90 -19.19
N GLY C 309 9.97 -19.57 -19.16
CA GLY C 309 10.66 -19.02 -20.33
C GLY C 309 10.29 -17.59 -20.72
N ILE C 310 9.95 -16.75 -19.74
CA ILE C 310 9.75 -15.32 -20.02
C ILE C 310 11.05 -14.70 -20.51
N VAL C 311 11.01 -13.98 -21.63
CA VAL C 311 12.20 -13.42 -22.25
C VAL C 311 12.35 -11.97 -21.88
N ALA C 312 13.55 -11.58 -21.48
CA ALA C 312 13.87 -10.22 -21.10
C ALA C 312 12.85 -9.63 -20.12
N PRO C 313 12.63 -10.30 -19.00
CA PRO C 313 11.69 -9.73 -18.06
C PRO C 313 12.19 -8.44 -17.39
N THR C 314 11.29 -7.46 -17.29
CA THR C 314 11.48 -6.28 -16.43
C THR C 314 10.31 -6.32 -15.44
N MET C 315 10.63 -6.34 -14.16
CA MET C 315 9.67 -6.54 -13.12
C MET C 315 9.49 -5.28 -12.32
N LEU C 316 8.32 -5.20 -11.68
CA LEU C 316 8.00 -4.18 -10.71
C LEU C 316 7.21 -4.89 -9.66
N VAL C 317 7.74 -4.90 -8.44
CA VAL C 317 7.17 -5.63 -7.34
C VAL C 317 6.87 -4.73 -6.12
N CYS C 318 5.65 -4.85 -5.62
CA CYS C 318 5.20 -4.18 -4.42
C CYS C 318 4.51 -5.23 -3.59
N GLY C 319 5.17 -5.72 -2.55
CA GLY C 319 4.61 -6.80 -1.79
C GLY C 319 4.34 -7.98 -2.72
N ASP C 320 3.14 -8.54 -2.65
CA ASP C 320 2.75 -9.64 -3.52
C ASP C 320 2.16 -9.19 -4.87
N ASP C 321 2.24 -7.89 -5.18
CA ASP C 321 1.76 -7.35 -6.46
C ASP C 321 2.91 -7.24 -7.39
N LEU C 322 2.72 -7.75 -8.59
CA LEU C 322 3.76 -7.86 -9.54
C LEU C 322 3.28 -7.48 -10.94
N ILE C 323 4.12 -6.76 -11.65
CA ILE C 323 3.99 -6.60 -13.09
C ILE C 323 5.25 -7.10 -13.74
N VAL C 324 5.11 -7.78 -14.87
CA VAL C 324 6.24 -8.19 -15.68
C VAL C 324 6.02 -7.76 -17.09
N ILE C 325 6.95 -6.99 -17.61
CA ILE C 325 6.96 -6.61 -18.99
C ILE C 325 8.14 -7.31 -19.67
N SER C 326 7.86 -7.99 -20.77
CA SER C 326 8.83 -8.91 -21.39
C SER C 326 8.69 -8.88 -22.89
N GLU C 327 9.51 -9.68 -23.56
CA GLU C 327 9.47 -9.82 -25.00
C GLU C 327 8.42 -10.85 -25.33
N SER C 328 7.39 -10.44 -26.08
CA SER C 328 6.38 -11.38 -26.55
C SER C 328 7.00 -12.49 -27.41
N GLN C 329 6.54 -13.72 -27.21
CA GLN C 329 6.88 -14.80 -28.12
C GLN C 329 5.69 -15.20 -29.06
N GLY C 330 4.78 -14.26 -29.30
CA GLY C 330 3.58 -14.56 -30.09
C GLY C 330 2.55 -14.95 -29.09
N THR C 331 1.27 -14.68 -29.40
CA THR C 331 0.27 -14.79 -28.36
C THR C 331 0.11 -16.22 -27.92
N GLU C 332 0.28 -17.16 -28.84
CA GLU C 332 0.11 -18.57 -28.48
C GLU C 332 1.16 -19.01 -27.45
N GLU C 333 2.44 -18.75 -27.72
CA GLU C 333 3.43 -19.09 -26.71
C GLU C 333 3.24 -18.24 -25.43
N ASP C 334 2.99 -16.93 -25.61
CA ASP C 334 2.76 -16.04 -24.45
C ASP C 334 1.74 -16.62 -23.52
N GLU C 335 0.65 -17.16 -24.07
CA GLU C 335 -0.41 -17.74 -23.19
C GLU C 335 0.05 -19.01 -22.47
N ARG C 336 0.79 -19.86 -23.18
CA ARG C 336 1.36 -21.06 -22.58
C ARG C 336 2.34 -20.65 -21.47
N ASN C 337 3.22 -19.73 -21.79
CA ASN C 337 4.20 -19.26 -20.81
C ASN C 337 3.58 -18.77 -19.53
N LEU C 338 2.49 -18.01 -19.64
CA LEU C 338 1.77 -17.55 -18.44
C LEU C 338 1.15 -18.65 -17.62
N ARG C 339 0.65 -19.70 -18.27
CA ARG C 339 0.16 -20.84 -17.51
C ARG C 339 1.30 -21.51 -16.78
N ALA C 340 2.43 -21.67 -17.44
CA ALA C 340 3.61 -22.26 -16.79
C ALA C 340 4.08 -21.39 -15.61
N PHE C 341 3.96 -20.06 -15.79
CA PHE C 341 4.33 -19.13 -14.74
C PHE C 341 3.50 -19.40 -13.54
N THR C 342 2.18 -19.46 -13.76
CA THR C 342 1.20 -19.68 -12.69
C THR C 342 1.38 -21.02 -12.01
N GLU C 343 1.63 -22.06 -12.82
CA GLU C 343 1.88 -23.38 -12.24
C GLU C 343 3.14 -23.35 -11.37
N ALA C 344 4.22 -22.72 -11.82
CA ALA C 344 5.44 -22.63 -11.02
C ALA C 344 5.20 -21.88 -9.70
N MET C 345 4.58 -20.70 -9.80
CA MET C 345 4.26 -19.93 -8.59
C MET C 345 3.43 -20.77 -7.66
N THR C 346 2.57 -21.59 -8.23
CA THR C 346 1.68 -22.43 -7.43
C THR C 346 2.48 -23.54 -6.73
N ARG C 347 3.50 -24.06 -7.41
CA ARG C 347 4.37 -25.04 -6.77
C ARG C 347 5.16 -24.34 -5.66
N TYR C 348 5.48 -23.06 -5.87
CA TYR C 348 6.27 -22.34 -4.88
C TYR C 348 5.44 -21.87 -3.72
N SER C 349 4.15 -22.23 -3.68
CA SER C 349 3.24 -21.80 -2.62
C SER C 349 2.89 -20.28 -2.72
N ALA C 350 2.50 -19.87 -3.92
CA ALA C 350 2.05 -18.49 -4.22
C ALA C 350 0.98 -18.60 -5.33
N PRO C 351 -0.15 -19.27 -5.01
CA PRO C 351 -1.19 -19.40 -6.03
C PRO C 351 -1.91 -18.05 -6.31
N PRO C 352 -2.45 -17.88 -7.51
CA PRO C 352 -3.00 -16.60 -7.91
C PRO C 352 -4.41 -16.37 -7.39
N GLY C 353 -4.77 -15.11 -7.19
CA GLY C 353 -6.19 -14.76 -7.01
C GLY C 353 -6.93 -14.99 -8.33
N ASP C 354 -6.55 -14.27 -9.38
CA ASP C 354 -7.11 -14.45 -10.70
C ASP C 354 -5.98 -14.92 -11.58
N PRO C 355 -6.27 -15.87 -12.47
CA PRO C 355 -5.20 -16.30 -13.35
C PRO C 355 -4.73 -15.09 -14.18
N PRO C 356 -3.43 -14.96 -14.35
CA PRO C 356 -2.90 -13.84 -15.11
C PRO C 356 -3.16 -14.02 -16.60
N ARG C 357 -3.02 -12.94 -17.34
CA ARG C 357 -3.33 -12.97 -18.75
C ARG C 357 -2.40 -12.02 -19.45
N PRO C 358 -1.88 -12.38 -20.62
CA PRO C 358 -1.00 -11.47 -21.33
C PRO C 358 -1.76 -10.32 -21.97
N GLU C 359 -1.11 -9.17 -22.02
CA GLU C 359 -1.70 -7.98 -22.60
C GLU C 359 -0.65 -7.31 -23.44
N TYR C 360 -1.10 -6.55 -24.42
CA TYR C 360 -0.26 -5.93 -25.39
C TYR C 360 -0.61 -4.44 -25.53
N ASP C 361 -1.24 -3.91 -24.49
CA ASP C 361 -1.64 -2.52 -24.40
C ASP C 361 -1.51 -2.20 -22.93
N LEU C 362 -0.74 -1.17 -22.64
CA LEU C 362 -0.35 -0.88 -21.27
C LEU C 362 -1.51 -0.46 -20.40
N GLU C 363 -2.58 0.08 -20.99
CA GLU C 363 -3.71 0.57 -20.17
C GLU C 363 -4.43 -0.57 -19.46
N LEU C 364 -4.36 -1.76 -20.05
CA LEU C 364 -5.09 -2.94 -19.61
C LEU C 364 -4.40 -3.69 -18.45
N ILE C 365 -3.24 -3.23 -17.99
CA ILE C 365 -2.59 -3.94 -16.89
C ILE C 365 -2.78 -3.20 -15.57
N THR C 366 -3.37 -3.89 -14.62
CA THR C 366 -3.63 -3.36 -13.29
C THR C 366 -2.76 -4.06 -12.24
N SER C 367 -2.01 -3.27 -11.48
CA SER C 367 -1.25 -3.76 -10.31
C SER C 367 -1.22 -2.65 -9.26
N CYS C 368 -1.15 -3.05 -8.00
CA CYS C 368 -1.24 -2.11 -6.88
C CYS C 368 -2.47 -1.24 -6.98
N SER C 369 -3.57 -1.86 -7.38
CA SER C 369 -4.84 -1.17 -7.56
C SER C 369 -4.80 -0.02 -8.59
N SER C 370 -3.76 0.05 -9.41
CA SER C 370 -3.62 1.14 -10.34
C SER C 370 -3.22 0.69 -11.75
N ASN C 371 -3.35 1.63 -12.68
CA ASN C 371 -2.93 1.40 -14.07
C ASN C 371 -2.55 2.70 -14.73
N VAL C 372 -1.74 2.58 -15.77
CA VAL C 372 -1.32 3.72 -16.56
C VAL C 372 -2.41 4.01 -17.57
N SER C 373 -2.74 5.29 -17.74
CA SER C 373 -3.63 5.74 -18.80
C SER C 373 -3.04 6.90 -19.54
N VAL C 374 -3.76 7.38 -20.54
CA VAL C 374 -3.27 8.43 -21.43
C VAL C 374 -4.36 9.48 -21.64
N ALA C 375 -3.90 10.73 -21.72
CA ALA C 375 -4.72 11.87 -22.10
C ALA C 375 -3.85 12.84 -22.94
N LEU C 376 -4.45 13.91 -23.44
CA LEU C 376 -3.71 14.96 -24.20
C LEU C 376 -3.35 16.16 -23.31
N GLY C 377 -2.20 16.75 -23.59
CA GLY C 377 -1.68 17.85 -22.79
C GLY C 377 -2.02 19.20 -23.39
N PRO C 378 -1.49 20.30 -22.81
CA PRO C 378 -1.80 21.66 -23.28
C PRO C 378 -1.46 21.82 -24.75
N ARG C 379 -0.33 21.26 -25.17
CA ARG C 379 0.15 21.36 -26.54
C ARG C 379 -0.32 20.20 -27.43
N GLY C 380 -1.26 19.37 -26.96
CA GLY C 380 -1.80 18.25 -27.77
C GLY C 380 -0.95 16.98 -27.80
N ARG C 381 0.11 16.92 -27.00
CA ARG C 381 0.92 15.73 -26.94
C ARG C 381 0.25 14.67 -26.01
N ARG C 382 0.49 13.40 -26.29
CA ARG C 382 0.11 12.31 -25.39
C ARG C 382 0.77 12.52 -24.02
N ARG C 383 -0.02 12.41 -22.96
CA ARG C 383 0.50 12.46 -21.59
C ARG C 383 0.01 11.25 -20.80
N TYR C 384 0.95 10.55 -20.16
CA TYR C 384 0.65 9.28 -19.47
C TYR C 384 0.66 9.54 -17.99
N TYR C 385 -0.14 8.83 -17.21
CA TYR C 385 -0.27 9.11 -15.80
C TYR C 385 -0.88 7.89 -15.11
N LEU C 386 -0.83 7.86 -13.79
CA LEU C 386 -1.33 6.77 -13.01
C LEU C 386 -2.76 7.08 -12.54
N THR C 387 -3.67 6.13 -12.76
CA THR C 387 -5.04 6.26 -12.30
C THR C 387 -5.45 4.96 -11.65
N ARG C 388 -6.68 4.93 -11.13
CA ARG C 388 -7.30 3.72 -10.56
C ARG C 388 -8.81 3.84 -10.59
N ASP C 389 -9.49 2.74 -10.32
CA ASP C 389 -10.91 2.74 -10.15
C ASP C 389 -11.19 3.59 -8.92
N PRO C 390 -12.06 4.59 -9.03
CA PRO C 390 -12.31 5.48 -7.90
C PRO C 390 -13.35 5.00 -6.91
N THR C 391 -13.86 3.80 -7.10
CA THR C 391 -14.87 3.22 -6.24
C THR C 391 -14.46 3.28 -4.76
N THR C 392 -13.33 2.70 -4.43
CA THR C 392 -12.88 2.67 -3.06
C THR C 392 -12.47 4.06 -2.54
N PRO C 393 -11.79 4.87 -3.36
CA PRO C 393 -11.55 6.23 -2.88
C PRO C 393 -12.84 7.03 -2.53
N LEU C 394 -13.89 6.82 -3.29
CA LEU C 394 -15.16 7.48 -3.04
C LEU C 394 -15.85 6.96 -1.79
N ALA C 395 -15.83 5.64 -1.62
CA ALA C 395 -16.35 5.05 -0.40
C ALA C 395 -15.62 5.60 0.84
N ARG C 396 -14.29 5.68 0.78
CA ARG C 396 -13.54 6.22 1.92
C ARG C 396 -13.74 7.71 2.07
N ALA C 397 -14.04 8.40 0.98
CA ALA C 397 -14.41 9.81 1.04
C ALA C 397 -15.70 10.02 1.82
N ALA C 398 -16.48 8.95 2.01
CA ALA C 398 -17.77 9.01 2.66
C ALA C 398 -17.83 8.28 3.99
N TRP C 399 -16.69 7.95 4.58
CA TRP C 399 -16.65 7.37 5.90
C TRP C 399 -16.54 8.51 6.90
N GLU C 400 -17.59 8.71 7.69
CA GLU C 400 -17.69 9.81 8.66
C GLU C 400 -18.29 9.25 9.92
N THR C 401 -17.58 9.31 11.02
CA THR C 401 -18.08 8.80 12.31
C THR C 401 -17.66 9.79 13.35
N VAL C 402 -18.16 9.57 14.57
CA VAL C 402 -17.74 10.40 15.72
C VAL C 402 -16.24 10.39 15.81
N ARG C 403 -15.61 9.26 15.60
CA ARG C 403 -14.16 9.14 15.68
C ARG C 403 -13.40 9.49 14.39
N HIS C 404 -14.04 9.51 13.22
CA HIS C 404 -13.27 9.65 11.96
C HIS C 404 -13.82 10.67 10.96
N SER C 405 -12.94 11.55 10.49
CA SER C 405 -13.23 12.50 9.45
C SER C 405 -12.59 12.00 8.15
N PRO C 406 -13.34 12.06 7.04
CA PRO C 406 -12.78 11.63 5.75
C PRO C 406 -11.86 12.65 5.04
N ILE C 407 -11.70 13.85 5.58
CA ILE C 407 -11.06 14.95 4.83
C ILE C 407 -9.64 14.62 4.44
N ASN C 408 -8.90 13.99 5.34
CA ASN C 408 -7.55 13.55 4.99
C ASN C 408 -7.50 12.55 3.84
N SER C 409 -8.51 11.70 3.73
CA SER C 409 -8.51 10.72 2.64
C SER C 409 -8.79 11.44 1.34
N TRP C 410 -9.67 12.45 1.34
CA TRP C 410 -9.85 13.30 0.16
C TRP C 410 -8.49 13.87 -0.26
N LEU C 411 -7.76 14.41 0.70
CA LEU C 411 -6.49 15.04 0.41
C LEU C 411 -5.50 14.03 -0.17
N GLY C 412 -5.39 12.88 0.47
CA GLY C 412 -4.46 11.84 0.04
C GLY C 412 -4.67 11.47 -1.42
N ASN C 413 -5.91 11.27 -1.79
CA ASN C 413 -6.25 10.96 -3.19
C ASN C 413 -5.98 12.14 -4.11
N ILE C 414 -6.22 13.36 -3.63
CA ILE C 414 -5.99 14.52 -4.48
C ILE C 414 -4.50 14.55 -4.82
N ILE C 415 -3.66 14.24 -3.85
CA ILE C 415 -2.19 14.30 -4.07
C ILE C 415 -1.66 13.17 -4.97
N GLN C 416 -1.99 11.93 -4.64
CA GLN C 416 -1.57 10.79 -5.44
C GLN C 416 -2.14 10.77 -6.86
N TYR C 417 -3.39 11.20 -7.03
CA TYR C 417 -4.08 11.02 -8.32
C TYR C 417 -4.55 12.34 -8.95
N ALA C 418 -3.78 13.37 -8.67
CA ALA C 418 -4.07 14.71 -9.13
C ALA C 418 -4.31 14.85 -10.62
N PRO C 419 -3.60 14.10 -11.47
CA PRO C 419 -3.90 14.23 -12.91
C PRO C 419 -5.19 13.55 -13.40
N THR C 420 -5.85 12.79 -12.55
CA THR C 420 -6.99 11.97 -12.99
C THR C 420 -8.24 12.82 -13.15
N ILE C 421 -9.14 12.39 -14.04
CA ILE C 421 -10.36 13.14 -14.28
C ILE C 421 -11.25 13.15 -13.04
N TRP C 422 -11.21 12.08 -12.26
CA TRP C 422 -12.06 11.94 -11.09
C TRP C 422 -11.57 12.80 -9.92
N VAL C 423 -10.26 12.91 -9.74
CA VAL C 423 -9.77 13.84 -8.75
C VAL C 423 -10.10 15.28 -9.15
N ARG C 424 -9.83 15.61 -10.41
CA ARG C 424 -9.88 17.02 -10.81
C ARG C 424 -11.31 17.57 -10.81
N MET C 425 -12.26 16.75 -11.28
CA MET C 425 -13.62 17.16 -11.41
C MET C 425 -14.40 16.93 -10.14
N VAL C 426 -14.19 15.80 -9.48
CA VAL C 426 -15.02 15.41 -8.34
C VAL C 426 -14.36 15.76 -6.99
N LEU C 427 -13.29 15.07 -6.63
CA LEU C 427 -12.73 15.28 -5.30
C LEU C 427 -12.17 16.68 -5.09
N MET C 428 -11.49 17.27 -6.07
CA MET C 428 -10.97 18.63 -5.88
C MET C 428 -12.14 19.64 -5.62
N THR C 429 -13.16 19.54 -6.44
CA THR C 429 -14.34 20.38 -6.35
C THR C 429 -15.00 20.27 -4.97
N HIS C 430 -15.16 19.04 -4.50
CA HIS C 430 -15.77 18.82 -3.18
C HIS C 430 -14.91 19.31 -2.05
N PHE C 431 -13.61 18.99 -2.10
CA PHE C 431 -12.67 19.34 -1.08
C PHE C 431 -12.65 20.86 -0.87
N PHE C 432 -12.52 21.58 -1.95
CA PHE C 432 -12.38 23.03 -1.85
C PHE C 432 -13.68 23.69 -1.42
N SER C 433 -14.80 23.23 -1.97
CA SER C 433 -16.11 23.70 -1.53
C SER C 433 -16.32 23.53 -0.04
N ILE C 434 -16.08 22.33 0.47
CA ILE C 434 -16.25 22.04 1.89
C ILE C 434 -15.37 22.98 2.77
N LEU C 435 -14.09 23.09 2.43
CA LEU C 435 -13.20 23.89 3.24
C LEU C 435 -13.50 25.38 3.15
N MET C 436 -13.91 25.87 2.01
CA MET C 436 -14.30 27.28 1.91
C MET C 436 -15.49 27.55 2.81
N VAL C 437 -16.50 26.70 2.76
CA VAL C 437 -17.73 26.93 3.50
C VAL C 437 -17.42 26.85 4.99
N GLN C 438 -16.57 25.91 5.39
CA GLN C 438 -16.10 25.83 6.79
C GLN C 438 -15.16 26.97 7.18
N ASP C 439 -14.63 27.71 6.19
CA ASP C 439 -13.55 28.68 6.41
C ASP C 439 -12.30 28.04 7.06
N THR C 440 -11.87 26.90 6.54
CA THR C 440 -10.70 26.18 7.07
C THR C 440 -9.69 25.94 5.97
N LEU C 441 -9.77 26.72 4.89
CA LEU C 441 -8.86 26.57 3.76
C LEU C 441 -7.37 26.61 4.11
N ASP C 442 -7.01 27.49 5.04
CA ASP C 442 -5.63 27.65 5.45
C ASP C 442 -5.28 26.85 6.68
N GLN C 443 -6.04 25.82 6.99
CA GLN C 443 -5.75 24.99 8.12
C GLN C 443 -5.04 23.72 7.62
N ASN C 444 -3.92 23.36 8.24
CA ASN C 444 -3.16 22.21 7.80
C ASN C 444 -3.83 20.88 8.04
N LEU C 445 -3.62 19.94 7.12
CA LEU C 445 -4.18 18.61 7.18
C LEU C 445 -3.07 17.61 7.08
N ASN C 446 -3.30 16.39 7.52
CA ASN C 446 -2.32 15.31 7.29
C ASN C 446 -2.44 14.45 6.02
N PHE C 447 -1.33 14.31 5.32
CA PHE C 447 -1.20 13.38 4.19
C PHE C 447 -0.54 12.07 4.67
N GLU C 448 -1.30 10.97 4.68
CA GLU C 448 -0.82 9.63 5.10
C GLU C 448 -0.29 8.78 3.92
N MET C 449 0.92 8.21 4.05
CA MET C 449 1.47 7.33 2.99
C MET C 449 2.55 6.41 3.56
N TYR C 450 2.43 5.10 3.26
CA TYR C 450 3.37 4.09 3.78
C TYR C 450 3.55 4.14 5.29
N GLY C 451 2.49 4.53 5.99
CA GLY C 451 2.55 4.65 7.44
C GLY C 451 3.17 5.95 7.95
N SER C 452 3.59 6.82 7.03
CA SER C 452 4.08 8.14 7.43
C SER C 452 3.03 9.22 7.20
N VAL C 453 3.20 10.30 7.95
CA VAL C 453 2.24 11.38 7.96
CA VAL C 453 2.25 11.38 7.97
C VAL C 453 2.99 12.67 7.65
N TYR C 454 2.44 13.43 6.72
CA TYR C 454 3.06 14.69 6.33
C TYR C 454 2.01 15.79 6.44
N SER C 455 2.39 16.91 7.06
CA SER C 455 1.46 18.02 7.24
C SER C 455 1.44 18.85 5.98
N VAL C 456 0.25 19.16 5.49
CA VAL C 456 0.10 19.85 4.22
C VAL C 456 -0.95 20.94 4.34
N ASN C 457 -0.65 22.12 3.79
CA ASN C 457 -1.66 23.16 3.69
C ASN C 457 -2.39 23.12 2.37
N PRO C 458 -3.74 23.12 2.39
CA PRO C 458 -4.54 23.07 1.16
C PRO C 458 -4.14 24.09 0.14
N LEU C 459 -3.79 25.28 0.58
CA LEU C 459 -3.47 26.38 -0.34
C LEU C 459 -2.12 26.20 -1.04
N ASP C 460 -1.32 25.23 -0.62
CA ASP C 460 -0.09 24.88 -1.32
C ASP C 460 -0.27 23.76 -2.34
N LEU C 461 -1.50 23.31 -2.58
CA LEU C 461 -1.69 22.18 -3.49
C LEU C 461 -1.16 22.45 -4.89
N PRO C 462 -1.33 23.67 -5.40
CA PRO C 462 -0.85 23.86 -6.76
C PRO C 462 0.65 23.58 -6.91
N ALA C 463 1.43 24.01 -5.92
CA ALA C 463 2.87 23.88 -6.02
C ALA C 463 3.23 22.43 -5.80
N ILE C 464 2.54 21.79 -4.85
CA ILE C 464 2.78 20.39 -4.53
C ILE C 464 2.50 19.57 -5.79
N ILE C 465 1.41 19.88 -6.46
CA ILE C 465 1.02 19.08 -7.59
C ILE C 465 1.95 19.27 -8.77
N GLU C 466 2.33 20.52 -9.04
CA GLU C 466 3.30 20.79 -10.09
C GLU C 466 4.57 20.01 -9.83
N ARG C 467 5.03 20.01 -8.60
CA ARG C 467 6.28 19.34 -8.26
C ARG C 467 6.19 17.83 -8.46
N LEU C 468 5.06 17.25 -8.09
CA LEU C 468 4.92 15.80 -8.02
C LEU C 468 4.58 15.22 -9.38
N HIS C 469 3.81 15.96 -10.15
CA HIS C 469 3.19 15.44 -11.36
C HIS C 469 3.43 16.29 -12.59
N GLY C 470 4.03 17.47 -12.42
CA GLY C 470 4.15 18.37 -13.56
C GLY C 470 2.97 19.29 -13.82
N LEU C 471 3.28 20.35 -14.55
CA LEU C 471 2.33 21.39 -14.86
C LEU C 471 1.22 20.87 -15.75
N ASP C 472 1.50 19.81 -16.49
CA ASP C 472 0.50 19.20 -17.34
C ASP C 472 -0.67 18.60 -16.57
N ALA C 473 -0.49 18.30 -15.28
CA ALA C 473 -1.61 17.85 -14.45
C ALA C 473 -2.78 18.86 -14.39
N PHE C 474 -2.52 20.12 -14.73
CA PHE C 474 -3.54 21.16 -14.70
C PHE C 474 -4.15 21.38 -16.06
N SER C 475 -3.75 20.63 -17.08
CA SER C 475 -4.22 20.90 -18.45
C SER C 475 -4.53 19.67 -19.30
N MET C 476 -4.56 18.49 -18.71
CA MET C 476 -4.94 17.28 -19.44
C MET C 476 -6.36 17.38 -19.93
N HIS C 477 -6.61 16.87 -21.12
CA HIS C 477 -7.95 16.76 -21.66
C HIS C 477 -8.03 15.52 -22.58
N THR C 478 -9.23 15.19 -23.02
CA THR C 478 -9.44 14.05 -23.90
C THR C 478 -8.95 12.78 -23.23
N TYR C 479 -9.55 12.48 -22.11
CA TYR C 479 -9.25 11.27 -21.37
C TYR C 479 -9.77 10.07 -22.16
N SER C 480 -9.30 8.88 -21.79
CA SER C 480 -9.57 7.70 -22.59
C SER C 480 -10.96 7.11 -22.36
N HIS C 481 -11.42 6.34 -23.34
CA HIS C 481 -12.64 5.62 -23.22
C HIS C 481 -12.75 4.80 -21.95
N HIS C 482 -11.70 4.04 -21.62
CA HIS C 482 -11.73 3.24 -20.37
C HIS C 482 -11.98 4.06 -19.15
N GLU C 483 -11.26 5.16 -19.08
CA GLU C 483 -11.28 6.02 -17.91
C GLU C 483 -12.63 6.77 -17.79
N LEU C 484 -13.13 7.30 -18.92
CA LEU C 484 -14.41 7.98 -18.94
C LEU C 484 -15.54 7.02 -18.53
N THR C 485 -15.49 5.79 -19.05
CA THR C 485 -16.50 4.78 -18.74
C THR C 485 -16.42 4.39 -17.27
N ARG C 486 -15.21 4.14 -16.78
CA ARG C 486 -15.04 3.65 -15.40
C ARG C 486 -15.49 4.72 -14.42
N VAL C 487 -15.16 5.98 -14.70
CA VAL C 487 -15.48 7.06 -13.76
C VAL C 487 -16.98 7.33 -13.71
N ALA C 488 -17.61 7.40 -14.89
CA ALA C 488 -19.06 7.57 -14.96
C ALA C 488 -19.80 6.49 -14.24
N SER C 489 -19.33 5.26 -14.42
CA SER C 489 -19.97 4.14 -13.82
C SER C 489 -19.79 4.13 -12.29
N ALA C 490 -18.61 4.48 -11.81
CA ALA C 490 -18.38 4.52 -10.36
C ALA C 490 -19.27 5.61 -9.71
N LEU C 491 -19.39 6.75 -10.37
CA LEU C 491 -20.27 7.80 -9.87
C LEU C 491 -21.74 7.36 -9.80
N ARG C 492 -22.24 6.71 -10.85
CA ARG C 492 -23.62 6.20 -10.82
C ARG C 492 -23.82 5.20 -9.69
N LYS C 493 -22.85 4.30 -9.54
CA LYS C 493 -22.89 3.25 -8.55
C LYS C 493 -22.93 3.74 -7.08
N LEU C 494 -22.30 4.87 -6.81
CA LEU C 494 -22.35 5.46 -5.47
C LEU C 494 -23.37 6.59 -5.34
N GLY C 495 -24.13 6.84 -6.40
CA GLY C 495 -25.17 7.85 -6.34
C GLY C 495 -24.61 9.25 -6.26
N ALA C 496 -23.47 9.48 -6.92
CA ALA C 496 -22.87 10.79 -7.00
C ALA C 496 -23.37 11.51 -8.26
N PRO C 497 -23.33 12.87 -8.25
CA PRO C 497 -23.61 13.59 -9.46
C PRO C 497 -22.69 13.17 -10.61
N PRO C 498 -23.19 13.18 -11.85
CA PRO C 498 -22.39 12.92 -13.02
C PRO C 498 -21.42 14.06 -13.32
N LEU C 499 -20.42 13.79 -14.13
CA LEU C 499 -19.36 14.77 -14.38
C LEU C 499 -19.86 16.15 -14.83
N ARG C 500 -20.89 16.20 -15.66
CA ARG C 500 -21.35 17.53 -16.09
C ARG C 500 -21.86 18.38 -14.93
N VAL C 501 -22.42 17.76 -13.90
CA VAL C 501 -22.83 18.52 -12.72
C VAL C 501 -21.63 18.98 -11.90
N TRP C 502 -20.61 18.15 -11.81
CA TRP C 502 -19.38 18.57 -11.13
C TRP C 502 -18.73 19.77 -11.85
N LYS C 503 -18.80 19.79 -13.17
CA LYS C 503 -18.32 20.94 -13.93
C LYS C 503 -18.99 22.26 -13.51
N SER C 504 -20.33 22.28 -13.46
CA SER C 504 -21.08 23.46 -12.94
C SER C 504 -20.66 23.76 -11.54
N ARG C 505 -20.61 22.75 -10.67
CA ARG C 505 -20.16 23.04 -9.30
C ARG C 505 -18.77 23.64 -9.31
N ALA C 506 -17.90 23.12 -10.14
CA ALA C 506 -16.50 23.60 -10.17
C ALA C 506 -16.36 25.07 -10.62
N ARG C 507 -17.17 25.51 -11.58
CA ARG C 507 -17.20 26.90 -12.01
C ARG C 507 -17.45 27.81 -10.83
N ALA C 508 -18.44 27.45 -10.02
CA ALA C 508 -18.78 28.23 -8.86
C ALA C 508 -17.70 28.19 -7.78
N VAL C 509 -17.11 27.02 -7.54
CA VAL C 509 -15.99 26.92 -6.59
C VAL C 509 -14.80 27.75 -7.06
N ARG C 510 -14.51 27.67 -8.34
CA ARG C 510 -13.40 28.46 -8.92
C ARG C 510 -13.59 29.96 -8.64
N ALA C 511 -14.76 30.49 -9.00
CA ALA C 511 -15.03 31.93 -8.83
C ALA C 511 -14.88 32.37 -7.38
N SER C 512 -15.41 31.61 -6.43
CA SER C 512 -15.20 31.93 -4.99
C SER C 512 -13.76 31.93 -4.58
N LEU C 513 -13.01 30.96 -5.08
CA LEU C 513 -11.58 30.92 -4.74
C LEU C 513 -10.93 32.16 -5.33
N ILE C 514 -11.22 32.45 -6.59
CA ILE C 514 -10.61 33.61 -7.22
C ILE C 514 -10.96 34.89 -6.42
N SER C 515 -12.22 35.03 -6.03
CA SER C 515 -12.66 36.23 -5.31
C SER C 515 -11.92 36.44 -3.99
N ARG C 516 -11.29 35.42 -3.42
CA ARG C 516 -10.57 35.59 -2.16
C ARG C 516 -9.14 36.07 -2.31
N GLY C 517 -8.63 36.13 -3.53
CA GLY C 517 -7.23 36.52 -3.75
C GLY C 517 -6.18 35.60 -3.14
N GLY C 518 -4.93 36.03 -3.20
CA GLY C 518 -3.84 35.32 -2.56
C GLY C 518 -3.67 33.89 -3.06
N LYS C 519 -3.31 32.99 -2.15
CA LYS C 519 -3.09 31.60 -2.53
C LYS C 519 -4.37 30.88 -3.00
N ALA C 520 -5.50 31.25 -2.39
CA ALA C 520 -6.79 30.71 -2.77
C ALA C 520 -7.05 30.93 -4.25
N ALA C 521 -6.78 32.15 -4.71
CA ALA C 521 -7.02 32.47 -6.11
C ALA C 521 -6.11 31.69 -7.06
N VAL C 522 -4.89 31.40 -6.61
CA VAL C 522 -3.97 30.56 -7.37
C VAL C 522 -4.52 29.12 -7.46
N CYS C 523 -5.09 28.61 -6.38
CA CYS C 523 -5.77 27.30 -6.40
C CYS C 523 -6.89 27.34 -7.42
N GLY C 524 -7.71 28.38 -7.41
CA GLY C 524 -8.78 28.51 -8.38
C GLY C 524 -8.31 28.52 -9.83
N ARG C 525 -7.23 29.24 -10.10
CA ARG C 525 -6.75 29.39 -11.46
C ARG C 525 -6.06 28.12 -11.97
N TYR C 526 -5.24 27.50 -11.13
CA TYR C 526 -4.50 26.33 -11.54
C TYR C 526 -5.31 25.01 -11.46
N LEU C 527 -6.01 24.80 -10.34
CA LEU C 527 -6.70 23.53 -10.10
C LEU C 527 -7.98 23.43 -10.91
N PHE C 528 -8.56 24.55 -11.30
CA PHE C 528 -9.86 24.53 -11.97
C PHE C 528 -9.87 25.20 -13.34
N ASN C 529 -8.70 25.30 -13.96
CA ASN C 529 -8.63 25.78 -15.35
C ASN C 529 -9.37 24.88 -16.32
N TRP C 530 -9.52 23.61 -15.97
CA TRP C 530 -10.33 22.70 -16.78
C TRP C 530 -11.78 23.13 -16.80
N ALA C 531 -12.22 23.88 -15.82
CA ALA C 531 -13.66 24.16 -15.71
C ALA C 531 -14.20 25.34 -16.53
N VAL C 532 -13.32 26.23 -17.00
CA VAL C 532 -13.78 27.46 -17.70
C VAL C 532 -13.71 27.41 -19.21
N LYS C 533 -14.58 28.19 -19.87
CA LYS C 533 -14.68 28.24 -21.33
C LYS C 533 -13.37 28.65 -21.99
N THR C 534 -12.87 29.82 -21.63
CA THR C 534 -11.65 30.32 -22.22
C THR C 534 -10.52 30.13 -21.22
N LYS C 535 -9.65 29.19 -21.53
CA LYS C 535 -8.56 28.80 -20.64
C LYS C 535 -7.64 29.93 -20.30
N LEU C 536 -6.88 29.78 -19.20
CA LEU C 536 -5.78 30.69 -18.88
C LEU C 536 -4.47 30.01 -19.25
N LYS C 537 -3.42 30.80 -19.46
CA LYS C 537 -2.06 30.27 -19.68
C LYS C 537 -1.41 30.07 -18.32
N LEU C 538 -1.20 28.82 -17.94
CA LEU C 538 -0.61 28.53 -16.64
C LEU C 538 0.88 28.48 -16.79
N THR C 539 1.60 29.10 -15.87
CA THR C 539 3.04 29.12 -15.98
C THR C 539 3.61 28.45 -14.76
N PRO C 540 4.86 27.99 -14.85
CA PRO C 540 5.48 27.33 -13.72
C PRO C 540 5.39 28.16 -12.47
N LEU C 541 5.20 27.50 -11.33
CA LEU C 541 5.11 28.19 -10.06
C LEU C 541 6.50 28.19 -9.44
N PRO C 542 6.99 29.37 -9.05
CA PRO C 542 8.25 29.48 -8.34
C PRO C 542 8.34 28.61 -7.11
N GLU C 543 7.25 28.54 -6.34
CA GLU C 543 7.26 27.75 -5.10
C GLU C 543 7.51 26.27 -5.36
N ALA C 544 7.15 25.81 -6.55
CA ALA C 544 7.32 24.40 -6.92
C ALA C 544 8.80 24.00 -7.00
N ARG C 545 9.64 24.88 -7.58
CA ARG C 545 11.10 24.66 -7.71
C ARG C 545 11.71 24.42 -6.33
N LEU C 546 11.18 25.12 -5.34
CA LEU C 546 11.67 25.08 -3.97
C LEU C 546 11.31 23.82 -3.17
N LEU C 547 10.41 22.96 -3.64
CA LEU C 547 9.88 21.88 -2.78
C LEU C 547 10.67 20.58 -2.90
N ASP C 548 10.89 19.91 -1.78
CA ASP C 548 11.45 18.58 -1.81
C ASP C 548 10.45 17.58 -1.25
N LEU C 549 9.85 16.79 -2.14
CA LEU C 549 8.83 15.82 -1.75
C LEU C 549 9.33 14.38 -1.88
N SER C 550 10.63 14.24 -2.12
CA SER C 550 11.28 12.93 -2.37
C SER C 550 10.97 11.84 -1.33
N SER C 551 10.79 12.22 -0.07
CA SER C 551 10.44 11.21 0.95
C SER C 551 8.98 10.71 0.93
N TRP C 552 8.09 11.42 0.23
CA TRP C 552 6.67 11.04 0.28
C TRP C 552 6.44 9.63 -0.26
N PHE C 553 7.16 9.26 -1.31
CA PHE C 553 6.89 8.03 -2.04
C PHE C 553 8.07 7.07 -2.05
N THR C 554 8.94 7.16 -1.04
CA THR C 554 10.06 6.24 -0.91
C THR C 554 10.09 5.54 0.45
N VAL C 555 10.57 4.30 0.42
CA VAL C 555 10.97 3.56 1.61
C VAL C 555 12.48 3.31 1.48
N GLY C 556 13.30 3.86 2.39
CA GLY C 556 14.77 3.69 2.37
C GLY C 556 15.57 4.97 2.51
MN MN D . -1.64 -7.70 -3.53
MN MN E . -2.72 -10.87 -2.72
CL CL F . 1.17 18.74 -24.49
PB ADP G . -4.07 -10.87 0.36
O1B ADP G . -3.04 -11.28 -0.66
O2B ADP G . -5.45 -11.44 0.12
O3B ADP G . -3.69 -10.94 1.82
PA ADP G . -3.20 -8.21 -0.65
O1A ADP G . -2.69 -8.73 -1.98
O2A ADP G . -3.76 -6.82 -0.61
O3A ADP G . -4.25 -9.26 0.03
O5' ADP G . -2.03 -8.07 0.43
C5' ADP G . -0.86 -8.91 0.32
C4' ADP G . -0.13 -9.02 1.66
O4' ADP G . 0.43 -7.75 2.08
C3' ADP G . -1.02 -9.51 2.80
O3' ADP G . -1.25 -10.95 2.81
C2' ADP G . -0.28 -8.92 4.01
O2' ADP G . 0.76 -9.83 4.47
C1' ADP G . 0.30 -7.60 3.49
N9 ADP G . -0.68 -6.56 3.88
C8 ADP G . -1.70 -6.07 3.14
N7 ADP G . -2.41 -5.15 3.85
C5 ADP G . -1.84 -5.09 5.08
C6 ADP G . -2.08 -4.33 6.35
N6 ADP G . -3.09 -3.44 6.46
N1 ADP G . -1.24 -4.57 7.41
C2 ADP G . -0.21 -5.45 7.32
N3 ADP G . 0.05 -6.15 6.22
C4 ADP G . -0.71 -6.02 5.09
C1 PG6 H . -3.97 -10.58 24.79
O1 PG6 H . -2.53 -10.61 24.94
C2 PG6 H . -1.79 -11.44 24.02
C3 PG6 H . -0.36 -10.93 23.79
O2 PG6 H . 0.53 -11.46 24.78
C4 PG6 H . 1.54 -10.56 25.23
C5 PG6 H . 2.28 -11.08 26.48
O3 PG6 H . 1.41 -11.14 27.61
C6 PG6 H . 1.87 -10.49 28.81
C7 PG6 H . 1.32 -11.13 30.09
O4 PG6 H . -0.10 -10.96 30.23
C8 PG6 H . -0.86 -12.11 29.82
C9 PG6 H . -2.38 -11.89 29.78
O5 PG6 H . -3.01 -12.54 28.65
C10 PG6 H . -2.77 -13.95 28.49
C11 PG6 H . -2.10 -14.31 27.15
O6 PG6 H . -0.68 -14.11 27.15
C12 PG6 H . 0.12 -15.30 27.06
C1 B3P I . 8.33 0.44 -30.37
C2 B3P I . 9.39 -0.65 -30.53
C3 B3P I . 6.92 -0.06 -30.65
N1 B3P I . 6.24 -0.76 -29.56
C4 B3P I . 4.88 -0.43 -29.15
C5 B3P I . 4.31 -1.55 -28.27
C6 B3P I . 4.90 0.93 -28.43
C7 B3P I . 3.95 -0.26 -30.36
N2 B3P I . 10.05 -0.60 -31.82
C8 B3P I . 11.23 0.18 -32.14
C9 B3P I . 12.38 -0.76 -32.53
C10 B3P I . 11.68 1.03 -30.96
C11 B3P I . 10.85 1.07 -33.34
O1 B3P I . 13.46 0.01 -33.09
O2 B3P I . 12.60 1.99 -31.45
O3 B3P I . 10.57 0.28 -34.52
O4 B3P I . 2.98 -1.25 -27.83
O5 B3P I . 5.83 0.86 -27.32
O6 B3P I . 3.88 -1.44 -31.16
O1 PG4 J . -17.89 -17.94 14.83
C1 PG4 J . -17.06 -19.09 14.55
C2 PG4 J . -16.16 -19.38 15.77
O2 PG4 J . -14.89 -18.72 15.63
C3 PG4 J . -13.80 -19.58 15.32
C4 PG4 J . -12.71 -18.72 14.72
O3 PG4 J . -11.81 -19.56 13.99
C5 PG4 J . -12.25 -19.82 12.67
C6 PG4 J . -11.59 -21.10 12.15
O4 PG4 J . -12.52 -21.89 11.42
C7 PG4 J . -13.55 -22.45 12.23
C8 PG4 J . -13.87 -23.86 11.78
O5 PG4 J . -15.27 -23.96 11.56
C1 EDO K . 14.88 -5.97 -23.27
O1 EDO K . 14.94 -6.50 -24.61
C2 EDO K . 15.44 -4.55 -23.18
O2 EDO K . 14.85 -3.89 -22.06
#